data_4E02
#
_entry.id   4E02
#
_cell.length_a   127.462
_cell.length_b   127.462
_cell.length_c   73.499
_cell.angle_alpha   90.00
_cell.angle_beta   90.00
_cell.angle_gamma   90.00
#
_symmetry.space_group_name_H-M   'P 42 21 2'
#
loop_
_entity.id
_entity.type
_entity.pdbx_description
1 polymer '[3-methyl-2-oxobutanoate dehydrogenase [lipoamide]] kinase, mitochondrial'
2 non-polymer 'PHOSPHOAMINOPHOSPHONIC ACID-ADENYLATE ESTER'
3 non-polymer 'POTASSIUM ION'
4 non-polymer '(S)-2-chloro-3-phenylpropanoic acid'
5 non-polymer 'MAGNESIUM ION'
6 water water
#
_entity_poly.entity_id   1
_entity_poly.type   'polypeptide(L)'
_entity_poly.pdbx_seq_one_letter_code
;MILTSVLGSGPRSGSSLWPLLGSSLSLRVRSTSATDTHHVELARERSKTVTSFYNQSAIDVVAEKPSVRLTPTMMLYSGR
SQDGSHLLKSGRYLQQELPVRIAHRIKGFRSLPFIIGCNPTILHVHELYIRAFQKLTDFPPIKDQADEAQYCQLVRQLLD
DHKDVVTLLAEGLRESRKHIEDEKLVRYFLDKTLTSRLGIRMLATHHLALHEDKPDFVGIICTRLSPKKIIEKWVDFARR
LCEHKYGNAPRVRINGHVAARFPFIPMPLDYILPELLKNAMRATMESHLDTPYNVPDVVITIANNDVDLIIRISDRGGGI
AHKDLDRVMDYHFTTAEASTQDPRISPLFGHLDMHSGGQSGPMHGFGFGLPTSRAYAEYLGGSLQLQSLQGIGTDVYLRL
RHIDGREESFRIHHHHHH
;
_entity_poly.pdbx_strand_id   A
#
# COMPACT_ATOMS: atom_id res chain seq x y z
N LEU A 70 -2.63 -6.74 15.71
CA LEU A 70 -3.17 -5.39 15.63
C LEU A 70 -2.34 -4.44 14.75
N THR A 71 -2.97 -3.34 14.34
CA THR A 71 -2.36 -2.28 13.55
C THR A 71 -2.71 -0.95 14.25
N PRO A 72 -2.35 0.20 13.65
CA PRO A 72 -2.59 1.49 14.34
C PRO A 72 -4.04 1.78 14.79
N THR A 73 -4.24 1.88 16.11
CA THR A 73 -5.54 2.18 16.72
C THR A 73 -6.63 1.25 16.21
N MET A 74 -6.19 0.11 15.69
CA MET A 74 -7.06 -0.80 14.96
C MET A 74 -6.60 -2.23 15.21
N MET A 75 -7.54 -3.11 15.54
CA MET A 75 -7.18 -4.48 15.81
C MET A 75 -7.76 -5.45 14.79
N LEU A 76 -6.92 -6.36 14.30
CA LEU A 76 -7.38 -7.42 13.44
C LEU A 76 -7.68 -8.65 14.30
N TYR A 77 -8.96 -8.92 14.48
CA TYR A 77 -9.44 -10.01 15.34
C TYR A 77 -8.96 -11.38 14.88
N SER A 78 -8.27 -12.09 15.76
CA SER A 78 -7.77 -13.43 15.46
C SER A 78 -8.70 -14.54 15.97
N GLY A 79 -9.84 -14.14 16.54
CA GLY A 79 -10.76 -15.07 17.18
C GLY A 79 -11.24 -16.23 16.31
N ARG A 80 -11.79 -17.26 16.97
CA ARG A 80 -12.32 -18.43 16.28
C ARG A 80 -13.51 -19.02 17.04
N SER A 81 -14.48 -19.54 16.30
CA SER A 81 -15.70 -20.10 16.90
C SER A 81 -16.46 -20.99 15.91
N GLN A 82 -16.80 -22.20 16.34
CA GLN A 82 -17.55 -23.11 15.48
C GLN A 82 -19.01 -22.67 15.36
N ASP A 83 -19.50 -21.91 16.33
CA ASP A 83 -20.84 -21.34 16.26
C ASP A 83 -20.88 -20.12 15.34
N GLY A 84 -19.71 -19.52 15.09
CA GLY A 84 -19.58 -18.39 14.21
C GLY A 84 -19.77 -17.05 14.90
N SER A 85 -19.76 -17.09 16.23
CA SER A 85 -19.93 -15.90 17.06
C SER A 85 -18.83 -14.86 16.81
N HIS A 86 -17.66 -15.33 16.35
CA HIS A 86 -16.54 -14.44 16.08
C HIS A 86 -16.81 -13.54 14.86
N LEU A 87 -17.58 -14.04 13.91
CA LEU A 87 -17.95 -13.25 12.73
C LEU A 87 -18.86 -12.10 13.10
N LEU A 88 -19.75 -12.34 14.07
CA LEU A 88 -20.68 -11.31 14.53
C LEU A 88 -19.93 -10.24 15.31
N LYS A 89 -18.99 -10.67 16.15
CA LYS A 89 -18.23 -9.71 16.94
C LYS A 89 -17.38 -8.84 16.00
N SER A 90 -16.76 -9.48 14.99
CA SER A 90 -15.96 -8.76 14.02
C SER A 90 -16.80 -7.76 13.24
N GLY A 91 -17.95 -8.22 12.74
CA GLY A 91 -18.84 -7.37 11.98
C GLY A 91 -19.32 -6.18 12.78
N ARG A 92 -19.68 -6.40 14.05
CA ARG A 92 -20.12 -5.29 14.90
C ARG A 92 -18.96 -4.31 15.08
N TYR A 93 -17.74 -4.83 15.17
CA TYR A 93 -16.57 -3.96 15.30
C TYR A 93 -16.43 -3.03 14.09
N LEU A 94 -16.54 -3.60 12.88
CA LEU A 94 -16.49 -2.80 11.65
C LEU A 94 -17.60 -1.76 11.63
N GLN A 95 -18.79 -2.16 12.06
CA GLN A 95 -19.94 -1.28 12.06
C GLN A 95 -19.70 -0.05 12.94
N GLN A 96 -18.98 -0.25 14.03
CA GLN A 96 -18.65 0.83 14.94
C GLN A 96 -17.54 1.70 14.33
N GLU A 97 -16.55 1.03 13.75
CA GLU A 97 -15.31 1.66 13.35
C GLU A 97 -15.33 2.36 11.97
N LEU A 98 -16.00 1.76 10.99
CA LEU A 98 -15.91 2.29 9.63
C LEU A 98 -16.53 3.68 9.43
N PRO A 99 -17.74 3.91 9.96
CA PRO A 99 -18.33 5.25 9.76
C PRO A 99 -17.47 6.37 10.35
N VAL A 100 -16.86 6.14 11.51
CA VAL A 100 -16.00 7.15 12.14
C VAL A 100 -14.79 7.48 11.26
N ARG A 101 -14.14 6.46 10.70
CA ARG A 101 -12.96 6.71 9.88
C ARG A 101 -13.31 7.36 8.55
N ILE A 102 -14.42 6.95 7.95
CA ILE A 102 -14.89 7.58 6.74
C ILE A 102 -15.24 9.05 7.03
N ALA A 103 -15.87 9.32 8.18
CA ALA A 103 -16.17 10.70 8.57
C ALA A 103 -14.89 11.55 8.65
N HIS A 104 -13.81 10.99 9.21
CA HIS A 104 -12.52 11.69 9.20
C HIS A 104 -12.03 11.98 7.80
N ARG A 105 -12.22 11.05 6.86
CA ARG A 105 -11.78 11.30 5.49
C ARG A 105 -12.59 12.44 4.86
N ILE A 106 -13.88 12.46 5.14
CA ILE A 106 -14.75 13.51 4.61
C ILE A 106 -14.31 14.88 5.15
N LYS A 107 -13.96 14.92 6.44
CA LYS A 107 -13.45 16.16 7.05
C LYS A 107 -12.16 16.60 6.35
N GLY A 108 -11.30 15.64 6.03
CA GLY A 108 -10.14 15.91 5.21
C GLY A 108 -10.48 16.62 3.89
N PHE A 109 -11.51 16.13 3.19
CA PHE A 109 -11.95 16.78 1.95
C PHE A 109 -12.50 18.20 2.20
N ARG A 110 -13.26 18.35 3.28
CA ARG A 110 -13.84 19.65 3.60
C ARG A 110 -12.82 20.72 3.90
N SER A 111 -11.64 20.29 4.36
CA SER A 111 -10.58 21.22 4.74
C SER A 111 -9.56 21.46 3.63
N LEU A 112 -9.65 20.69 2.55
CA LEU A 112 -8.77 20.94 1.41
C LEU A 112 -8.92 22.40 0.98
N PRO A 113 -7.81 23.02 0.55
CA PRO A 113 -7.91 24.35 -0.04
C PRO A 113 -9.04 24.40 -1.08
N PHE A 114 -9.89 25.41 -0.97
CA PHE A 114 -11.04 25.61 -1.86
C PHE A 114 -10.79 25.25 -3.32
N ILE A 115 -9.71 25.77 -3.89
CA ILE A 115 -9.48 25.65 -5.33
C ILE A 115 -9.18 24.22 -5.74
N ILE A 116 -8.56 23.47 -4.84
CA ILE A 116 -8.33 22.04 -5.05
C ILE A 116 -9.63 21.28 -4.88
N GLY A 117 -10.38 21.60 -3.82
CA GLY A 117 -11.63 20.90 -3.52
C GLY A 117 -12.67 21.08 -4.61
N CYS A 118 -12.52 22.14 -5.40
CA CYS A 118 -13.42 22.42 -6.51
C CYS A 118 -13.10 21.62 -7.79
N ASN A 119 -11.93 21.00 -7.84
CA ASN A 119 -11.59 20.13 -8.96
C ASN A 119 -12.64 19.03 -9.12
N PRO A 120 -13.14 18.82 -10.36
CA PRO A 120 -14.23 17.84 -10.54
C PRO A 120 -13.88 16.41 -10.15
N THR A 121 -12.64 16.01 -10.35
CA THR A 121 -12.23 14.67 -9.95
C THR A 121 -12.13 14.57 -8.42
N ILE A 122 -11.64 15.61 -7.77
CA ILE A 122 -11.61 15.63 -6.31
C ILE A 122 -13.04 15.62 -5.76
N LEU A 123 -13.92 16.38 -6.39
CA LEU A 123 -15.33 16.40 -5.99
C LEU A 123 -15.96 15.02 -6.09
N HIS A 124 -15.66 14.33 -7.19
CA HIS A 124 -16.13 12.97 -7.38
C HIS A 124 -15.69 12.05 -6.24
N VAL A 125 -14.41 12.13 -5.84
CA VAL A 125 -13.94 11.27 -4.75
C VAL A 125 -14.58 11.69 -3.42
N HIS A 126 -14.69 13.00 -3.21
CA HIS A 126 -15.33 13.54 -2.03
C HIS A 126 -16.75 12.95 -1.94
N GLU A 127 -17.50 13.01 -3.04
CA GLU A 127 -18.83 12.40 -3.08
C GLU A 127 -18.85 10.89 -2.83
N LEU A 128 -17.85 10.17 -3.35
CA LEU A 128 -17.76 8.72 -3.09
C LEU A 128 -17.73 8.43 -1.59
N TYR A 129 -16.87 9.16 -0.87
CA TYR A 129 -16.78 8.99 0.57
C TYR A 129 -18.06 9.39 1.29
N ILE A 130 -18.73 10.45 0.83
CA ILE A 130 -20.02 10.81 1.41
C ILE A 130 -21.05 9.68 1.22
N ARG A 131 -21.09 9.11 0.02
CA ARG A 131 -21.98 7.97 -0.24
C ARG A 131 -21.64 6.77 0.65
N ALA A 132 -20.35 6.50 0.82
CA ALA A 132 -19.92 5.39 1.67
C ALA A 132 -20.42 5.62 3.09
N PHE A 133 -20.26 6.84 3.58
CA PHE A 133 -20.71 7.17 4.93
C PHE A 133 -22.21 6.95 5.04
N GLN A 134 -22.95 7.35 4.03
CA GLN A 134 -24.40 7.23 4.06
C GLN A 134 -24.82 5.77 4.11
N LYS A 135 -24.18 4.95 3.28
CA LYS A 135 -24.52 3.53 3.21
C LYS A 135 -24.15 2.84 4.51
N LEU A 136 -22.99 3.21 5.06
CA LEU A 136 -22.51 2.57 6.27
C LEU A 136 -23.42 2.90 7.45
N THR A 137 -23.85 4.15 7.53
CA THR A 137 -24.68 4.58 8.65
C THR A 137 -26.15 4.17 8.47
N ASP A 138 -26.58 4.00 7.22
CA ASP A 138 -27.93 3.51 6.93
C ASP A 138 -28.11 2.01 7.26
N PHE A 139 -27.01 1.27 7.31
CA PHE A 139 -27.09 -0.16 7.57
C PHE A 139 -27.48 -0.40 9.04
N PRO A 140 -28.50 -1.24 9.28
CA PRO A 140 -28.95 -1.45 10.65
C PRO A 140 -27.95 -2.24 11.48
N PRO A 141 -28.02 -2.12 12.81
CA PRO A 141 -27.10 -2.86 13.70
C PRO A 141 -27.14 -4.37 13.42
N ILE A 142 -25.97 -4.97 13.31
CA ILE A 142 -25.87 -6.41 13.09
C ILE A 142 -26.27 -7.20 14.33
N LYS A 143 -27.24 -8.10 14.18
CA LYS A 143 -27.71 -8.92 15.29
C LYS A 143 -27.59 -10.41 15.05
N ASP A 144 -27.57 -10.82 13.79
CA ASP A 144 -27.53 -12.23 13.45
C ASP A 144 -26.70 -12.49 12.19
N GLN A 145 -26.50 -13.75 11.84
CA GLN A 145 -25.66 -14.10 10.70
C GLN A 145 -26.22 -13.55 9.38
N ALA A 146 -27.54 -13.51 9.25
CA ALA A 146 -28.17 -12.93 8.08
C ALA A 146 -27.79 -11.46 7.90
N ASP A 147 -27.82 -10.69 8.97
CA ASP A 147 -27.39 -9.29 8.91
C ASP A 147 -25.93 -9.18 8.52
N GLU A 148 -25.10 -10.00 9.16
CA GLU A 148 -23.65 -9.97 8.96
C GLU A 148 -23.34 -10.30 7.51
N ALA A 149 -24.06 -11.28 6.97
CA ALA A 149 -23.88 -11.69 5.57
C ALA A 149 -24.15 -10.55 4.60
N GLN A 150 -25.24 -9.80 4.82
CA GLN A 150 -25.57 -8.66 3.98
C GLN A 150 -24.58 -7.52 4.17
N TYR A 151 -24.14 -7.30 5.39
CA TYR A 151 -23.09 -6.30 5.63
C TYR A 151 -21.84 -6.56 4.77
N CYS A 152 -21.45 -7.83 4.64
CA CYS A 152 -20.27 -8.19 3.83
C CYS A 152 -20.48 -7.79 2.36
N GLN A 153 -21.70 -7.96 1.85
CA GLN A 153 -22.04 -7.48 0.51
C GLN A 153 -21.78 -5.97 0.38
N LEU A 154 -22.21 -5.21 1.38
CA LEU A 154 -21.98 -3.77 1.35
C LEU A 154 -20.46 -3.50 1.35
N VAL A 155 -19.76 -4.18 2.25
CA VAL A 155 -18.30 -3.98 2.34
C VAL A 155 -17.60 -4.31 1.01
N ARG A 156 -18.04 -5.38 0.35
CA ARG A 156 -17.48 -5.76 -0.95
C ARG A 156 -17.76 -4.69 -2.01
N GLN A 157 -19.00 -4.20 -2.05
CA GLN A 157 -19.36 -3.12 -2.98
C GLN A 157 -18.48 -1.88 -2.79
N LEU A 158 -18.28 -1.45 -1.54
CA LEU A 158 -17.45 -0.28 -1.25
C LEU A 158 -15.97 -0.51 -1.62
N LEU A 159 -15.43 -1.67 -1.25
CA LEU A 159 -14.06 -1.98 -1.65
C LEU A 159 -13.90 -1.82 -3.16
N ASP A 160 -14.88 -2.35 -3.91
CA ASP A 160 -14.85 -2.26 -5.38
C ASP A 160 -15.06 -0.83 -5.89
N ASP A 161 -16.04 -0.11 -5.34
CA ASP A 161 -16.37 1.25 -5.79
C ASP A 161 -15.18 2.19 -5.58
N HIS A 162 -14.35 1.88 -4.60
CA HIS A 162 -13.24 2.75 -4.24
C HIS A 162 -11.87 2.25 -4.72
N LYS A 163 -11.84 1.28 -5.63
CA LYS A 163 -10.57 0.66 -5.99
C LYS A 163 -9.63 1.59 -6.77
N ASP A 164 -10.18 2.61 -7.42
CA ASP A 164 -9.35 3.52 -8.21
C ASP A 164 -9.14 4.88 -7.52
N VAL A 165 -9.35 4.93 -6.21
CA VAL A 165 -9.28 6.21 -5.51
C VAL A 165 -7.88 6.83 -5.55
N VAL A 166 -6.82 6.01 -5.41
CA VAL A 166 -5.46 6.58 -5.43
C VAL A 166 -5.23 7.27 -6.78
N THR A 167 -5.64 6.60 -7.86
CA THR A 167 -5.47 7.12 -9.19
C THR A 167 -6.24 8.41 -9.40
N LEU A 168 -7.49 8.43 -8.92
CA LEU A 168 -8.35 9.61 -9.07
C LEU A 168 -7.79 10.81 -8.30
N LEU A 169 -7.29 10.56 -7.10
CA LEU A 169 -6.69 11.63 -6.32
C LEU A 169 -5.41 12.12 -7.00
N ALA A 170 -4.59 11.20 -7.49
CA ALA A 170 -3.35 11.56 -8.19
C ALA A 170 -3.64 12.53 -9.34
N GLU A 171 -4.63 12.16 -10.14
CA GLU A 171 -5.06 12.97 -11.27
C GLU A 171 -5.72 14.29 -10.82
N GLY A 172 -6.62 14.21 -9.85
CA GLY A 172 -7.33 15.39 -9.39
C GLY A 172 -6.37 16.42 -8.80
N LEU A 173 -5.29 15.94 -8.18
CA LEU A 173 -4.37 16.82 -7.48
C LEU A 173 -3.25 17.35 -8.37
N ARG A 174 -3.02 16.69 -9.51
CA ARG A 174 -1.86 16.97 -10.35
C ARG A 174 -1.67 18.47 -10.64
N GLU A 175 -2.70 19.10 -11.17
CA GLU A 175 -2.61 20.50 -11.56
C GLU A 175 -3.03 21.44 -10.44
N SER A 176 -4.19 21.16 -9.87
CA SER A 176 -4.75 21.99 -8.81
C SER A 176 -3.81 22.24 -7.62
N ARG A 177 -2.87 21.34 -7.38
CA ARG A 177 -1.96 21.54 -6.25
C ARG A 177 -0.98 22.69 -6.49
N LYS A 178 -0.75 23.00 -7.76
CA LYS A 178 0.26 23.97 -8.16
C LYS A 178 -0.13 25.40 -7.78
N HIS A 179 -1.40 25.58 -7.43
CA HIS A 179 -1.95 26.89 -7.10
C HIS A 179 -1.54 27.39 -5.72
N ILE A 180 -1.88 26.61 -4.70
CA ILE A 180 -1.55 26.98 -3.34
C ILE A 180 -0.03 26.90 -3.15
N GLU A 181 0.50 27.65 -2.20
CA GLU A 181 1.96 27.70 -2.04
C GLU A 181 2.48 26.85 -0.87
N ASP A 182 1.61 26.56 0.10
CA ASP A 182 1.98 25.60 1.13
C ASP A 182 1.96 24.20 0.53
N GLU A 183 3.12 23.72 0.08
CA GLU A 183 3.20 22.42 -0.57
C GLU A 183 3.09 21.29 0.43
N LYS A 184 3.33 21.62 1.70
CA LYS A 184 3.16 20.68 2.77
C LYS A 184 1.72 20.20 2.86
N LEU A 185 0.76 21.05 2.50
CA LEU A 185 -0.64 20.66 2.65
C LEU A 185 -1.03 19.40 1.87
N VAL A 186 -0.65 19.34 0.61
CA VAL A 186 -1.05 18.22 -0.24
C VAL A 186 -0.38 16.94 0.24
N ARG A 187 0.90 17.03 0.59
CA ARG A 187 1.63 15.88 1.12
C ARG A 187 0.94 15.34 2.36
N TYR A 188 0.58 16.24 3.27
CA TYR A 188 -0.11 15.85 4.48
C TYR A 188 -1.48 15.21 4.18
N PHE A 189 -2.30 15.87 3.37
CA PHE A 189 -3.60 15.29 2.99
C PHE A 189 -3.46 13.89 2.33
N LEU A 190 -2.51 13.74 1.43
CA LEU A 190 -2.34 12.44 0.77
C LEU A 190 -1.82 11.39 1.76
N ASP A 191 -0.82 11.72 2.59
CA ASP A 191 -0.33 10.75 3.56
C ASP A 191 -1.49 10.29 4.45
N LYS A 192 -2.24 11.27 4.97
CA LYS A 192 -3.30 10.97 5.90
C LYS A 192 -4.41 10.18 5.22
N THR A 193 -4.79 10.63 4.02
CA THR A 193 -5.86 9.99 3.28
C THR A 193 -5.51 8.57 2.82
N LEU A 194 -4.35 8.39 2.21
CA LEU A 194 -4.01 7.07 1.68
C LEU A 194 -3.72 6.03 2.77
N THR A 195 -3.08 6.43 3.86
CA THR A 195 -2.83 5.49 4.95
C THR A 195 -4.13 5.09 5.69
N SER A 196 -5.02 6.05 5.94
CA SER A 196 -6.31 5.75 6.55
C SER A 196 -7.06 4.79 5.66
N ARG A 197 -7.02 5.05 4.36
CA ARG A 197 -7.65 4.18 3.38
C ARG A 197 -7.06 2.76 3.43
N LEU A 198 -5.74 2.65 3.51
CA LEU A 198 -5.12 1.33 3.61
C LEU A 198 -5.62 0.59 4.84
N GLY A 199 -5.65 1.30 5.96
CA GLY A 199 -6.12 0.74 7.20
C GLY A 199 -7.55 0.26 7.06
N ILE A 200 -8.41 1.07 6.44
CA ILE A 200 -9.81 0.69 6.24
C ILE A 200 -9.92 -0.57 5.37
N ARG A 201 -9.16 -0.59 4.27
CA ARG A 201 -9.21 -1.72 3.35
C ARG A 201 -8.66 -2.98 4.02
N MET A 202 -7.66 -2.82 4.88
CA MET A 202 -7.11 -3.97 5.62
C MET A 202 -8.16 -4.53 6.58
N LEU A 203 -8.78 -3.66 7.35
CA LEU A 203 -9.81 -4.11 8.29
C LEU A 203 -10.99 -4.79 7.58
N ALA A 204 -11.45 -4.17 6.48
CA ALA A 204 -12.58 -4.70 5.73
C ALA A 204 -12.25 -6.06 5.11
N THR A 205 -11.10 -6.14 4.46
CA THR A 205 -10.66 -7.35 3.79
C THR A 205 -10.40 -8.48 4.80
N HIS A 206 -9.86 -8.12 5.96
CA HIS A 206 -9.70 -9.08 7.05
C HIS A 206 -11.05 -9.68 7.44
N HIS A 207 -12.05 -8.83 7.62
CA HIS A 207 -13.36 -9.33 8.01
C HIS A 207 -13.93 -10.33 7.00
N LEU A 208 -13.93 -9.92 5.73
CA LEU A 208 -14.39 -10.81 4.67
C LEU A 208 -13.62 -12.14 4.68
N ALA A 209 -12.31 -12.06 4.88
CA ALA A 209 -11.44 -13.22 4.78
C ALA A 209 -11.66 -14.18 5.93
N LEU A 210 -12.26 -13.69 7.00
CA LEU A 210 -12.60 -14.54 8.13
C LEU A 210 -13.60 -15.63 7.73
N HIS A 211 -14.33 -15.40 6.64
CA HIS A 211 -15.26 -16.39 6.13
C HIS A 211 -14.53 -17.45 5.30
N GLU A 212 -13.34 -17.12 4.82
CA GLU A 212 -12.62 -18.00 3.91
C GLU A 212 -12.07 -19.20 4.65
N ASP A 213 -11.91 -20.30 3.92
CA ASP A 213 -11.23 -21.46 4.47
C ASP A 213 -9.90 -21.61 3.77
N LYS A 214 -8.91 -20.88 4.24
CA LYS A 214 -7.57 -21.02 3.70
C LYS A 214 -6.63 -21.47 4.81
N PRO A 215 -5.82 -22.49 4.51
CA PRO A 215 -4.77 -22.95 5.41
C PRO A 215 -3.67 -21.89 5.50
N ASP A 216 -3.11 -21.73 6.69
CA ASP A 216 -2.06 -20.75 6.93
C ASP A 216 -2.59 -19.30 6.98
N PHE A 217 -3.91 -19.13 7.03
CA PHE A 217 -4.48 -17.77 7.13
C PHE A 217 -5.52 -17.63 8.23
N VAL A 218 -5.40 -16.56 9.01
CA VAL A 218 -6.49 -16.13 9.90
C VAL A 218 -6.93 -14.77 9.38
N GLY A 219 -8.02 -14.74 8.62
CA GLY A 219 -8.39 -13.54 7.86
C GLY A 219 -7.28 -13.21 6.86
N ILE A 220 -6.79 -11.97 6.88
CA ILE A 220 -5.69 -11.61 5.98
C ILE A 220 -4.32 -11.84 6.61
N ILE A 221 -4.30 -12.36 7.84
CA ILE A 221 -3.04 -12.63 8.51
C ILE A 221 -2.50 -14.00 8.12
N CYS A 222 -1.31 -14.04 7.54
CA CYS A 222 -0.69 -15.33 7.23
C CYS A 222 0.08 -15.80 8.46
N THR A 223 -0.12 -17.05 8.86
CA THR A 223 0.48 -17.56 10.08
C THR A 223 1.92 -18.03 9.83
N ARG A 224 2.27 -18.21 8.57
CA ARG A 224 3.64 -18.63 8.23
C ARG A 224 4.09 -18.07 6.88
N LEU A 225 4.16 -16.74 6.78
CA LEU A 225 4.58 -16.09 5.55
C LEU A 225 6.08 -16.26 5.31
N SER A 226 6.42 -16.61 4.08
CA SER A 226 7.79 -16.66 3.63
C SER A 226 8.09 -15.36 2.87
N PRO A 227 8.97 -14.52 3.42
CA PRO A 227 9.33 -13.27 2.73
C PRO A 227 9.89 -13.58 1.34
N LYS A 228 10.64 -14.66 1.21
CA LYS A 228 11.24 -14.98 -0.09
C LYS A 228 10.17 -15.27 -1.15
N LYS A 229 9.13 -16.02 -0.77
CA LYS A 229 8.07 -16.38 -1.69
C LYS A 229 7.30 -15.16 -2.17
N ILE A 230 6.94 -14.27 -1.25
CA ILE A 230 6.16 -13.12 -1.66
C ILE A 230 7.01 -12.15 -2.49
N ILE A 231 8.29 -12.07 -2.18
CA ILE A 231 9.19 -11.28 -3.00
C ILE A 231 9.26 -11.85 -4.42
N GLU A 232 9.39 -13.18 -4.53
CA GLU A 232 9.47 -13.82 -5.84
C GLU A 232 8.21 -13.61 -6.66
N LYS A 233 7.06 -13.60 -5.99
CA LYS A 233 5.81 -13.31 -6.67
C LYS A 233 5.84 -11.93 -7.33
N TRP A 234 6.32 -10.93 -6.61
CA TRP A 234 6.33 -9.58 -7.16
C TRP A 234 7.50 -9.35 -8.11
N VAL A 235 8.58 -10.09 -7.91
CA VAL A 235 9.68 -10.11 -8.88
C VAL A 235 9.20 -10.54 -10.28
N ASP A 236 8.46 -11.64 -10.34
CA ASP A 236 7.93 -12.15 -11.61
C ASP A 236 7.01 -11.16 -12.28
N PHE A 237 6.13 -10.54 -11.50
CA PHE A 237 5.25 -9.48 -11.97
C PHE A 237 6.02 -8.27 -12.50
N ALA A 238 6.99 -7.79 -11.72
CA ALA A 238 7.75 -6.62 -12.14
C ALA A 238 8.59 -6.94 -13.38
N ARG A 239 9.19 -8.12 -13.42
CA ARG A 239 9.99 -8.55 -14.57
C ARG A 239 9.19 -8.60 -15.86
N ARG A 240 7.94 -9.09 -15.80
CA ARG A 240 7.05 -9.11 -16.96
C ARG A 240 6.75 -7.71 -17.49
N LEU A 241 6.39 -6.79 -16.59
CA LEU A 241 6.16 -5.40 -17.00
C LEU A 241 7.41 -4.85 -17.66
N CYS A 242 8.56 -5.16 -17.07
CA CYS A 242 9.81 -4.57 -17.53
C CYS A 242 10.18 -5.12 -18.92
N GLU A 243 10.10 -6.44 -19.08
CA GLU A 243 10.34 -7.09 -20.37
C GLU A 243 9.45 -6.55 -21.48
N HIS A 244 8.18 -6.32 -21.15
CA HIS A 244 7.23 -5.81 -22.12
C HIS A 244 7.65 -4.43 -22.60
N LYS A 245 8.27 -3.66 -21.72
CA LYS A 245 8.70 -2.30 -22.11
C LYS A 245 10.09 -2.22 -22.75
N TYR A 246 11.02 -3.06 -22.33
CA TYR A 246 12.43 -2.88 -22.70
C TYR A 246 13.01 -4.06 -23.46
N GLY A 247 12.28 -5.18 -23.53
CA GLY A 247 12.77 -6.36 -24.21
C GLY A 247 13.48 -7.35 -23.30
N ASN A 248 13.78 -6.92 -22.06
CA ASN A 248 14.48 -7.74 -21.07
C ASN A 248 14.24 -7.17 -19.68
N ALA A 249 14.70 -7.87 -18.65
CA ALA A 249 14.56 -7.39 -17.28
C ALA A 249 15.76 -7.90 -16.50
N PRO A 250 16.21 -7.13 -15.50
CA PRO A 250 17.30 -7.67 -14.67
C PRO A 250 16.86 -8.96 -13.98
N ARG A 251 17.78 -9.90 -13.78
CA ARG A 251 17.52 -11.00 -12.88
C ARG A 251 17.55 -10.47 -11.46
N VAL A 252 16.85 -11.15 -10.57
CA VAL A 252 16.87 -10.76 -9.17
C VAL A 252 17.47 -11.90 -8.37
N ARG A 253 18.47 -11.59 -7.56
CA ARG A 253 18.98 -12.59 -6.61
C ARG A 253 18.44 -12.24 -5.23
N ILE A 254 18.14 -13.27 -4.45
CA ILE A 254 17.65 -13.10 -3.09
C ILE A 254 18.57 -13.82 -2.12
N ASN A 255 19.08 -13.09 -1.13
CA ASN A 255 20.00 -13.69 -0.16
C ASN A 255 19.60 -13.28 1.25
N GLY A 256 20.40 -13.66 2.25
CA GLY A 256 20.04 -13.45 3.64
C GLY A 256 19.15 -14.55 4.20
N HIS A 257 18.12 -14.16 4.94
CA HIS A 257 17.31 -15.17 5.64
C HIS A 257 16.23 -15.74 4.71
N VAL A 258 16.68 -16.40 3.65
CA VAL A 258 15.80 -16.93 2.61
C VAL A 258 14.79 -17.97 3.08
N ALA A 259 15.03 -18.58 4.23
CA ALA A 259 14.16 -19.66 4.69
C ALA A 259 13.25 -19.22 5.82
N ALA A 260 13.27 -17.93 6.14
CA ALA A 260 12.44 -17.40 7.21
C ALA A 260 10.94 -17.63 6.97
N ARG A 261 10.23 -17.97 8.03
CA ARG A 261 8.77 -18.03 8.00
C ARG A 261 8.22 -17.52 9.31
N PHE A 262 7.19 -16.69 9.24
CA PHE A 262 6.63 -16.10 10.43
C PHE A 262 5.26 -15.50 10.15
N PRO A 263 4.45 -15.31 11.21
CA PRO A 263 3.15 -14.66 11.02
C PRO A 263 3.32 -13.25 10.50
N PHE A 264 2.48 -12.86 9.54
CA PHE A 264 2.65 -11.57 8.90
C PHE A 264 1.44 -11.26 8.04
N ILE A 265 1.17 -9.97 7.86
CA ILE A 265 0.10 -9.52 6.98
C ILE A 265 0.69 -9.15 5.64
N PRO A 266 0.40 -9.95 4.60
CA PRO A 266 0.95 -9.77 3.26
C PRO A 266 0.60 -8.43 2.63
N MET A 267 -0.61 -7.91 2.90
CA MET A 267 -1.16 -6.78 2.13
C MET A 267 -0.21 -5.58 1.92
N PRO A 268 0.43 -5.06 2.99
CA PRO A 268 1.38 -3.96 2.74
C PRO A 268 2.51 -4.35 1.80
N LEU A 269 3.05 -5.56 1.96
CA LEU A 269 4.10 -6.03 1.04
C LEU A 269 3.57 -6.05 -0.42
N ASP A 270 2.32 -6.47 -0.60
CA ASP A 270 1.73 -6.51 -1.94
C ASP A 270 1.62 -5.09 -2.55
N TYR A 271 1.38 -4.09 -1.72
CA TYR A 271 1.39 -2.71 -2.18
C TYR A 271 2.83 -2.23 -2.47
N ILE A 272 3.73 -2.45 -1.51
CA ILE A 272 5.06 -1.81 -1.56
C ILE A 272 6.06 -2.49 -2.50
N LEU A 273 6.16 -3.81 -2.42
CA LEU A 273 7.22 -4.51 -3.15
C LEU A 273 7.22 -4.23 -4.66
N PRO A 274 6.05 -4.34 -5.33
CA PRO A 274 6.09 -4.07 -6.77
C PRO A 274 6.48 -2.63 -7.10
N GLU A 275 6.13 -1.67 -6.25
CA GLU A 275 6.56 -0.30 -6.48
C GLU A 275 8.10 -0.16 -6.47
N LEU A 276 8.74 -0.79 -5.50
CA LEU A 276 10.19 -0.67 -5.34
C LEU A 276 10.90 -1.47 -6.42
N LEU A 277 10.31 -2.59 -6.83
CA LEU A 277 10.87 -3.42 -7.89
C LEU A 277 10.78 -2.76 -9.26
N LYS A 278 9.62 -2.19 -9.58
CA LYS A 278 9.49 -1.43 -10.82
C LYS A 278 10.54 -0.31 -10.89
N ASN A 279 10.75 0.41 -9.79
CA ASN A 279 11.77 1.49 -9.75
C ASN A 279 13.15 0.96 -10.05
N ALA A 280 13.51 -0.14 -9.40
CA ALA A 280 14.85 -0.70 -9.53
C ALA A 280 15.08 -1.17 -10.97
N MET A 281 14.06 -1.77 -11.56
CA MET A 281 14.19 -2.37 -12.90
C MET A 281 14.26 -1.30 -13.97
N ARG A 282 13.39 -0.29 -13.85
CA ARG A 282 13.41 0.87 -14.74
C ARG A 282 14.80 1.51 -14.75
N ALA A 283 15.28 1.87 -13.56
CA ALA A 283 16.58 2.53 -13.42
C ALA A 283 17.68 1.68 -14.06
N THR A 284 17.61 0.37 -13.84
CA THR A 284 18.62 -0.54 -14.40
C THR A 284 18.57 -0.55 -15.93
N MET A 285 17.36 -0.64 -16.49
CA MET A 285 17.24 -0.69 -17.95
C MET A 285 17.65 0.65 -18.61
N GLU A 286 17.20 1.76 -18.03
CA GLU A 286 17.48 3.07 -18.62
C GLU A 286 18.96 3.48 -18.54
N SER A 287 19.74 2.79 -17.70
CA SER A 287 21.17 3.09 -17.59
C SER A 287 21.99 2.05 -18.35
N HIS A 288 21.32 1.14 -19.03
CA HIS A 288 22.02 0.12 -19.82
C HIS A 288 21.39 -0.06 -21.19
N LEU A 289 21.05 1.06 -21.82
CA LEU A 289 20.38 1.04 -23.11
C LEU A 289 21.21 0.36 -24.21
N ASP A 290 22.53 0.38 -24.06
CA ASP A 290 23.40 -0.20 -25.07
C ASP A 290 23.52 -1.71 -24.94
N THR A 291 23.22 -2.22 -23.75
CA THR A 291 23.32 -3.65 -23.50
C THR A 291 22.10 -4.18 -22.76
N PRO A 292 20.91 -4.02 -23.36
CA PRO A 292 19.67 -4.41 -22.68
C PRO A 292 19.62 -5.92 -22.42
N TYR A 293 20.40 -6.69 -23.17
CA TYR A 293 20.49 -8.14 -23.08
C TYR A 293 21.42 -8.60 -21.95
N ASN A 294 22.08 -7.64 -21.30
CA ASN A 294 23.02 -7.98 -20.24
C ASN A 294 23.12 -6.82 -19.26
N VAL A 295 22.28 -6.84 -18.22
CA VAL A 295 22.26 -5.77 -17.24
C VAL A 295 22.51 -6.34 -15.84
N PRO A 296 23.01 -5.49 -14.93
CA PRO A 296 23.34 -5.91 -13.55
C PRO A 296 22.10 -6.45 -12.83
N ASP A 297 22.25 -7.56 -12.11
CA ASP A 297 21.16 -8.11 -11.31
C ASP A 297 20.71 -7.09 -10.27
N VAL A 298 19.44 -7.19 -9.91
CA VAL A 298 18.93 -6.53 -8.72
C VAL A 298 19.14 -7.53 -7.58
N VAL A 299 19.63 -7.05 -6.44
CA VAL A 299 19.98 -7.95 -5.37
C VAL A 299 19.13 -7.61 -4.15
N ILE A 300 18.37 -8.59 -3.66
CA ILE A 300 17.50 -8.36 -2.51
C ILE A 300 17.98 -9.14 -1.31
N THR A 301 18.14 -8.45 -0.18
CA THR A 301 18.59 -9.12 1.04
C THR A 301 17.47 -9.09 2.08
N ILE A 302 17.17 -10.27 2.65
CA ILE A 302 16.14 -10.40 3.68
C ILE A 302 16.84 -10.52 5.02
N ALA A 303 16.52 -9.64 5.96
CA ALA A 303 17.00 -9.80 7.33
C ALA A 303 15.82 -9.94 8.30
N ASN A 304 15.79 -11.05 9.02
CA ASN A 304 14.69 -11.34 9.93
C ASN A 304 15.18 -11.40 11.37
N ASN A 305 14.73 -10.48 12.20
CA ASN A 305 15.11 -10.53 13.61
C ASN A 305 13.85 -10.50 14.46
N ASP A 306 14.01 -10.42 15.78
CA ASP A 306 12.84 -10.45 16.68
C ASP A 306 12.04 -9.17 16.68
N VAL A 307 12.63 -8.08 16.20
CA VAL A 307 11.95 -6.80 16.22
C VAL A 307 11.26 -6.51 14.89
N ASP A 308 12.01 -6.61 13.79
CA ASP A 308 11.45 -6.27 12.50
C ASP A 308 11.92 -7.17 11.38
N LEU A 309 11.31 -6.98 10.22
CA LEU A 309 11.72 -7.61 8.99
C LEU A 309 12.30 -6.53 8.10
N ILE A 310 13.51 -6.74 7.60
CA ILE A 310 14.14 -5.75 6.72
C ILE A 310 14.31 -6.37 5.36
N ILE A 311 13.87 -5.64 4.33
CA ILE A 311 14.09 -6.08 2.98
C ILE A 311 14.89 -5.00 2.26
N ARG A 312 16.13 -5.31 1.89
CA ARG A 312 16.95 -4.36 1.15
C ARG A 312 16.93 -4.72 -0.33
N ILE A 313 16.61 -3.74 -1.16
CA ILE A 313 16.59 -3.94 -2.62
C ILE A 313 17.69 -3.05 -3.21
N SER A 314 18.74 -3.68 -3.73
CA SER A 314 19.91 -2.94 -4.25
C SER A 314 20.04 -3.10 -5.74
N ASP A 315 20.18 -1.98 -6.44
CA ASP A 315 20.33 -2.04 -7.89
C ASP A 315 21.64 -1.37 -8.30
N ARG A 316 22.05 -1.61 -9.55
CA ARG A 316 23.16 -0.90 -10.14
C ARG A 316 22.63 -0.02 -11.27
N GLY A 317 21.51 0.67 -11.02
CA GLY A 317 20.87 1.48 -12.04
C GLY A 317 21.28 2.93 -12.10
N GLY A 318 22.44 3.26 -11.52
CA GLY A 318 23.01 4.60 -11.68
C GLY A 318 22.79 5.56 -10.52
N GLY A 319 21.85 5.25 -9.64
CA GLY A 319 21.62 6.07 -8.46
C GLY A 319 20.55 7.13 -8.67
N ILE A 320 20.17 7.79 -7.59
CA ILE A 320 19.28 8.95 -7.69
C ILE A 320 20.13 10.21 -7.63
N ALA A 321 20.06 11.01 -8.69
CA ALA A 321 20.88 12.21 -8.82
C ALA A 321 20.69 13.16 -7.65
N HIS A 322 21.78 13.79 -7.23
CA HIS A 322 21.74 14.81 -6.19
C HIS A 322 20.65 15.86 -6.40
N LYS A 323 20.49 16.34 -7.63
CA LYS A 323 19.46 17.35 -7.92
C LYS A 323 18.02 16.83 -7.73
N ASP A 324 17.84 15.51 -7.81
CA ASP A 324 16.50 14.92 -7.67
C ASP A 324 16.22 14.40 -6.27
N LEU A 325 17.27 14.25 -5.49
CA LEU A 325 17.19 13.49 -4.24
C LEU A 325 16.13 14.02 -3.27
N ASP A 326 16.01 15.33 -3.17
CA ASP A 326 15.06 15.94 -2.24
C ASP A 326 13.66 16.03 -2.83
N ARG A 327 13.48 15.50 -4.03
CA ARG A 327 12.15 15.52 -4.66
C ARG A 327 11.54 14.14 -4.88
N VAL A 328 12.33 13.09 -4.83
CA VAL A 328 11.79 11.78 -5.18
C VAL A 328 10.70 11.33 -4.22
N MET A 329 10.71 11.81 -2.97
CA MET A 329 9.67 11.44 -2.01
C MET A 329 8.37 12.28 -2.13
N ASP A 330 8.36 13.24 -3.05
CA ASP A 330 7.16 14.08 -3.26
C ASP A 330 6.17 13.35 -4.11
N TYR A 331 4.89 13.34 -3.74
CA TYR A 331 3.86 12.93 -4.69
C TYR A 331 3.94 13.74 -5.97
N HIS A 332 3.68 13.12 -7.11
CA HIS A 332 3.73 13.79 -8.42
C HIS A 332 5.14 14.08 -8.96
N PHE A 333 6.20 13.80 -8.22
CA PHE A 333 7.52 13.93 -8.84
C PHE A 333 7.92 12.69 -9.62
N THR A 334 8.23 12.82 -10.89
CA THR A 334 8.66 11.67 -11.65
C THR A 334 9.60 12.12 -12.74
N THR A 335 10.58 11.30 -13.07
CA THR A 335 11.47 11.59 -14.21
C THR A 335 11.04 10.87 -15.50
N ALA A 336 9.98 10.06 -15.42
CA ALA A 336 9.49 9.35 -16.60
C ALA A 336 8.80 10.29 -17.58
N GLY A 365 3.41 6.42 -14.77
CA GLY A 365 2.57 6.72 -13.62
C GLY A 365 2.59 8.19 -13.22
N PHE A 366 2.06 8.49 -12.03
CA PHE A 366 1.98 9.87 -11.57
C PHE A 366 3.12 10.25 -10.63
N GLY A 367 4.07 9.34 -10.43
CA GLY A 367 5.13 9.54 -9.45
C GLY A 367 4.62 9.32 -8.02
N PHE A 368 4.02 8.17 -7.76
CA PHE A 368 3.43 7.91 -6.45
C PHE A 368 4.13 6.80 -5.69
N GLY A 369 4.92 5.97 -6.39
CA GLY A 369 5.44 4.75 -5.79
C GLY A 369 6.17 4.94 -4.46
N LEU A 370 7.09 5.91 -4.45
CA LEU A 370 7.90 6.18 -3.27
C LEU A 370 7.15 6.85 -2.11
N PRO A 371 6.49 8.01 -2.35
CA PRO A 371 5.75 8.61 -1.24
C PRO A 371 4.64 7.70 -0.70
N THR A 372 3.90 7.02 -1.55
CA THR A 372 2.89 6.11 -0.97
C THR A 372 3.57 4.98 -0.18
N SER A 373 4.62 4.38 -0.71
CA SER A 373 5.27 3.24 -0.02
C SER A 373 5.82 3.67 1.33
N ARG A 374 6.39 4.86 1.40
CA ARG A 374 6.87 5.32 2.68
C ARG A 374 5.72 5.61 3.66
N ALA A 375 4.66 6.24 3.20
CA ALA A 375 3.52 6.52 4.08
C ALA A 375 2.97 5.21 4.64
N TYR A 376 2.79 4.22 3.78
CA TYR A 376 2.27 2.93 4.26
C TYR A 376 3.21 2.29 5.28
N ALA A 377 4.50 2.25 4.99
CA ALA A 377 5.44 1.62 5.92
C ALA A 377 5.38 2.30 7.29
N GLU A 378 5.44 3.63 7.30
CA GLU A 378 5.43 4.37 8.55
C GLU A 378 4.07 4.22 9.25
N TYR A 379 2.98 4.26 8.50
CA TYR A 379 1.66 4.01 9.10
C TYR A 379 1.65 2.72 9.94
N LEU A 380 2.41 1.72 9.50
CA LEU A 380 2.42 0.43 10.20
C LEU A 380 3.56 0.31 11.20
N GLY A 381 4.28 1.40 11.48
CA GLY A 381 5.34 1.34 12.46
C GLY A 381 6.68 0.94 11.85
N GLY A 382 6.75 0.91 10.52
CA GLY A 382 8.00 0.62 9.83
C GLY A 382 8.61 1.86 9.22
N SER A 383 9.42 1.68 8.18
CA SER A 383 10.04 2.81 7.50
C SER A 383 10.54 2.41 6.12
N LEU A 384 10.81 3.42 5.30
CA LEU A 384 11.36 3.21 3.98
C LEU A 384 12.49 4.23 3.82
N GLN A 385 13.71 3.73 3.65
CA GLN A 385 14.89 4.62 3.55
C GLN A 385 15.69 4.38 2.29
N LEU A 386 16.23 5.46 1.72
CA LEU A 386 16.96 5.36 0.47
C LEU A 386 18.43 5.69 0.69
N GLN A 387 19.31 4.94 0.03
CA GLN A 387 20.74 5.30 -0.03
C GLN A 387 21.15 5.38 -1.48
N SER A 388 21.43 6.60 -1.95
CA SER A 388 21.84 6.78 -3.34
C SER A 388 23.36 6.77 -3.49
N LEU A 389 23.87 5.91 -4.37
CA LEU A 389 25.29 5.97 -4.78
C LEU A 389 25.37 6.52 -6.20
N GLN A 390 25.36 7.84 -6.31
CA GLN A 390 25.29 8.49 -7.61
C GLN A 390 26.40 8.03 -8.53
N GLY A 391 26.02 7.56 -9.71
CA GLY A 391 26.95 6.98 -10.66
C GLY A 391 27.01 5.46 -10.59
N ILE A 392 26.44 4.87 -9.54
CA ILE A 392 26.49 3.42 -9.37
C ILE A 392 25.10 2.77 -9.29
N GLY A 393 24.33 3.14 -8.26
CA GLY A 393 23.06 2.51 -7.98
C GLY A 393 22.39 3.00 -6.70
N THR A 394 21.33 2.33 -6.30
CA THR A 394 20.55 2.75 -5.15
C THR A 394 20.27 1.53 -4.27
N ASP A 395 20.34 1.74 -2.97
CA ASP A 395 19.86 0.77 -2.00
C ASP A 395 18.58 1.30 -1.35
N VAL A 396 17.52 0.51 -1.37
CA VAL A 396 16.28 0.88 -0.73
C VAL A 396 16.01 -0.11 0.40
N TYR A 397 15.76 0.41 1.60
CA TYR A 397 15.54 -0.44 2.77
C TYR A 397 14.09 -0.29 3.24
N LEU A 398 13.35 -1.38 3.12
CA LEU A 398 12.02 -1.45 3.68
C LEU A 398 12.09 -2.18 5.03
N ARG A 399 11.60 -1.53 6.08
CA ARG A 399 11.51 -2.15 7.41
C ARG A 399 10.05 -2.21 7.86
N LEU A 400 9.61 -3.38 8.26
CA LEU A 400 8.24 -3.54 8.77
C LEU A 400 8.32 -4.29 10.08
N ARG A 401 7.60 -3.83 11.09
CA ARG A 401 7.59 -4.50 12.39
C ARG A 401 6.93 -5.88 12.36
N HIS A 402 7.40 -6.76 13.22
CA HIS A 402 6.79 -8.06 13.36
C HIS A 402 5.49 -7.90 14.14
N ILE A 403 4.67 -8.94 14.09
CA ILE A 403 3.47 -9.03 14.90
C ILE A 403 3.83 -9.49 16.31
N ASP A 404 3.44 -8.71 17.33
CA ASP A 404 3.70 -9.09 18.72
C ASP A 404 3.04 -10.42 19.07
#